data_2LWU
#
_entry.id   2LWU
#
_entity_poly.entity_id   1
_entity_poly.type   'polypeptide(L)'
_entity_poly.pdbx_seq_one_letter_code
;GHCIPTTSGPICLRD
;
_entity_poly.pdbx_strand_id   A
#
# COMPACT_ATOMS: atom_id res chain seq x y z
N GLY A 1 2.23 -7.55 -4.55
CA GLY A 1 2.33 -7.65 -3.11
C GLY A 1 0.97 -7.63 -2.42
N HIS A 2 0.62 -6.48 -1.85
CA HIS A 2 -0.65 -6.32 -1.16
C HIS A 2 -0.90 -4.86 -0.80
N CYS A 3 -1.91 -4.63 0.04
CA CYS A 3 -2.25 -3.28 0.46
C CYS A 3 -1.72 -3.00 1.86
N ILE A 4 -0.72 -2.14 1.95
CA ILE A 4 -0.12 -1.78 3.24
C ILE A 4 -0.08 -0.28 3.43
N PRO A 5 0.04 0.16 4.69
CA PRO A 5 0.09 1.58 5.03
C PRO A 5 1.38 2.25 4.57
N THR A 6 1.33 3.54 4.30
CA THR A 6 2.50 4.29 3.86
C THR A 6 2.50 5.70 4.44
N THR A 7 3.55 6.46 4.13
CA THR A 7 3.67 7.83 4.61
C THR A 7 2.45 8.66 4.24
N SER A 8 1.87 8.36 3.06
CA SER A 8 0.69 9.08 2.58
C SER A 8 -0.58 8.38 3.03
N GLY A 9 -0.47 7.09 3.32
CA GLY A 9 -1.63 6.33 3.75
C GLY A 9 -1.64 4.92 3.19
N PRO A 10 -2.79 4.23 3.34
CA PRO A 10 -2.95 2.85 2.84
C PRO A 10 -2.98 2.78 1.32
N ILE A 11 -1.97 2.12 0.75
CA ILE A 11 -1.88 1.98 -0.70
C ILE A 11 -1.94 0.51 -1.11
N CYS A 12 -2.67 0.23 -2.18
CA CYS A 12 -2.81 -1.14 -2.68
C CYS A 12 -1.83 -1.41 -3.80
N LEU A 13 -0.75 -2.13 -3.47
CA LEU A 13 0.27 -2.47 -4.46
C LEU A 13 -0.16 -3.65 -5.31
N ARG A 14 0.15 -3.59 -6.61
CA ARG A 14 -0.20 -4.65 -7.53
C ARG A 14 0.96 -5.63 -7.71
N ASP A 15 1.83 -5.69 -6.70
CA ASP A 15 2.98 -6.58 -6.74
C ASP A 15 3.27 -7.16 -5.36
N GLY A 1 3.00 -6.65 -4.51
CA GLY A 1 3.04 -6.87 -3.09
C GLY A 1 1.66 -7.04 -2.47
N HIS A 2 1.16 -5.98 -1.86
CA HIS A 2 -0.17 -6.01 -1.23
C HIS A 2 -0.60 -4.61 -0.81
N CYS A 3 -1.67 -4.54 -0.02
CA CYS A 3 -2.19 -3.26 0.45
C CYS A 3 -1.77 -3.00 1.90
N ILE A 4 -0.85 -2.06 2.07
CA ILE A 4 -0.36 -1.71 3.41
C ILE A 4 -0.28 -0.19 3.58
N PRO A 5 -0.26 0.25 4.85
CA PRO A 5 -0.18 1.68 5.18
C PRO A 5 1.18 2.28 4.84
N THR A 6 1.18 3.58 4.55
CA THR A 6 2.41 4.28 4.20
C THR A 6 2.41 5.70 4.75
N THR A 7 3.51 6.41 4.53
CA THR A 7 3.63 7.79 5.00
C THR A 7 2.46 8.64 4.52
N SER A 8 1.97 8.35 3.32
CA SER A 8 0.87 9.09 2.73
C SER A 8 -0.47 8.42 3.06
N GLY A 9 -0.41 7.12 3.35
CA GLY A 9 -1.62 6.39 3.67
C GLY A 9 -1.61 4.98 3.12
N PRO A 10 -2.78 4.31 3.17
CA PRO A 10 -2.92 2.95 2.67
C PRO A 10 -2.81 2.86 1.15
N ILE A 11 -1.78 2.19 0.67
CA ILE A 11 -1.57 2.04 -0.77
C ILE A 11 -1.70 0.58 -1.19
N CYS A 12 -2.45 0.34 -2.26
CA CYS A 12 -2.66 -1.01 -2.78
C CYS A 12 -1.72 -1.29 -3.95
N LEU A 13 -1.03 -2.43 -3.88
CA LEU A 13 -0.10 -2.82 -4.93
C LEU A 13 -0.57 -4.10 -5.62
N ARG A 14 -0.33 -4.19 -6.92
CA ARG A 14 -0.72 -5.36 -7.70
C ARG A 14 0.44 -6.35 -7.82
N ASP A 15 1.35 -6.30 -6.85
CA ASP A 15 2.50 -7.20 -6.87
C ASP A 15 2.88 -7.62 -5.45
N GLY A 1 2.99 -6.66 -4.51
CA GLY A 1 3.04 -6.88 -3.08
C GLY A 1 1.66 -7.04 -2.47
N HIS A 2 1.15 -5.98 -1.86
CA HIS A 2 -0.17 -6.01 -1.23
C HIS A 2 -0.60 -4.61 -0.81
N CYS A 3 -1.67 -4.54 -0.02
CA CYS A 3 -2.19 -3.26 0.45
C CYS A 3 -1.77 -3.00 1.90
N ILE A 4 -0.84 -2.06 2.07
CA ILE A 4 -0.35 -1.71 3.40
C ILE A 4 -0.28 -0.19 3.58
N PRO A 5 -0.25 0.25 4.85
CA PRO A 5 -0.18 1.68 5.18
C PRO A 5 1.18 2.28 4.84
N THR A 6 1.18 3.59 4.54
CA THR A 6 2.41 4.28 4.20
C THR A 6 2.40 5.71 4.74
N THR A 7 3.51 6.41 4.53
CA THR A 7 3.63 7.79 5.00
C THR A 7 2.46 8.64 4.52
N SER A 8 1.97 8.35 3.32
CA SER A 8 0.87 9.10 2.74
C SER A 8 -0.46 8.43 3.08
N GLY A 9 -0.42 7.13 3.34
CA GLY A 9 -1.62 6.39 3.67
C GLY A 9 -1.61 4.98 3.12
N PRO A 10 -2.78 4.31 3.17
CA PRO A 10 -2.92 2.95 2.67
C PRO A 10 -2.82 2.86 1.15
N ILE A 11 -1.78 2.19 0.67
CA ILE A 11 -1.58 2.03 -0.76
C ILE A 11 -1.70 0.58 -1.19
N CYS A 12 -2.45 0.34 -2.26
CA CYS A 12 -2.66 -1.01 -2.78
C CYS A 12 -1.72 -1.30 -3.94
N LEU A 13 -1.03 -2.43 -3.88
CA LEU A 13 -0.10 -2.82 -4.93
C LEU A 13 -0.57 -4.10 -5.62
N ARG A 14 -0.32 -4.19 -6.92
CA ARG A 14 -0.72 -5.36 -7.70
C ARG A 14 0.44 -6.35 -7.82
N ASP A 15 1.35 -6.31 -6.87
CA ASP A 15 2.50 -7.20 -6.87
C ASP A 15 2.88 -7.62 -5.45
N GLY A 1 3.01 -6.62 -4.53
CA GLY A 1 3.06 -6.81 -3.09
C GLY A 1 1.67 -6.98 -2.49
N HIS A 2 1.16 -5.93 -1.87
CA HIS A 2 -0.16 -5.97 -1.24
C HIS A 2 -0.61 -4.57 -0.82
N CYS A 3 -1.67 -4.52 -0.03
CA CYS A 3 -2.20 -3.25 0.45
C CYS A 3 -1.78 -2.99 1.89
N ILE A 4 -0.87 -2.04 2.07
CA ILE A 4 -0.38 -1.70 3.40
C ILE A 4 -0.30 -0.19 3.59
N PRO A 5 -0.27 0.26 4.86
CA PRO A 5 -0.19 1.68 5.19
C PRO A 5 1.17 2.29 4.85
N THR A 6 1.18 3.58 4.55
CA THR A 6 2.41 4.27 4.20
C THR A 6 2.41 5.70 4.75
N THR A 7 3.51 6.41 4.53
CA THR A 7 3.64 7.78 5.00
C THR A 7 2.47 8.63 4.51
N SER A 8 1.99 8.34 3.31
CA SER A 8 0.87 9.09 2.73
C SER A 8 -0.46 8.42 3.06
N GLY A 9 -0.41 7.12 3.35
CA GLY A 9 -1.62 6.38 3.67
C GLY A 9 -1.60 4.97 3.12
N PRO A 10 -2.77 4.31 3.17
CA PRO A 10 -2.92 2.93 2.67
C PRO A 10 -2.81 2.86 1.15
N ILE A 11 -1.78 2.18 0.66
CA ILE A 11 -1.58 2.03 -0.77
C ILE A 11 -1.70 0.57 -1.19
N CYS A 12 -2.46 0.32 -2.26
CA CYS A 12 -2.66 -1.02 -2.77
C CYS A 12 -1.71 -1.31 -3.93
N LEU A 13 -1.05 -2.46 -3.87
CA LEU A 13 -0.11 -2.86 -4.92
C LEU A 13 -0.58 -4.14 -5.61
N ARG A 14 -0.33 -4.21 -6.91
CA ARG A 14 -0.72 -5.38 -7.70
C ARG A 14 0.43 -6.37 -7.82
N ASP A 15 1.35 -6.31 -6.87
CA ASP A 15 2.51 -7.21 -6.87
C ASP A 15 2.89 -7.60 -5.44
N GLY A 1 2.94 -6.72 -4.51
CA GLY A 1 2.97 -6.97 -3.08
C GLY A 1 1.59 -7.11 -2.48
N HIS A 2 1.11 -6.03 -1.86
CA HIS A 2 -0.21 -6.04 -1.23
C HIS A 2 -0.61 -4.63 -0.81
N CYS A 3 -1.68 -4.54 -0.02
CA CYS A 3 -2.17 -3.25 0.45
C CYS A 3 -1.76 -3.02 1.90
N ILE A 4 -0.82 -2.10 2.09
CA ILE A 4 -0.32 -1.77 3.43
C ILE A 4 -0.25 -0.26 3.64
N PRO A 5 -0.23 0.16 4.91
CA PRO A 5 -0.16 1.57 5.28
C PRO A 5 1.20 2.19 4.94
N THR A 6 1.20 3.48 4.62
CA THR A 6 2.42 4.19 4.29
C THR A 6 2.40 5.62 4.79
N THR A 7 3.41 6.40 4.43
CA THR A 7 3.50 7.79 4.85
C THR A 7 2.33 8.61 4.29
N SER A 8 1.91 8.27 3.08
CA SER A 8 0.80 8.98 2.43
C SER A 8 -0.52 8.28 2.72
N GLY A 9 -0.45 7.18 3.45
CA GLY A 9 -1.67 6.44 3.78
C GLY A 9 -1.64 5.03 3.22
N PRO A 10 -2.82 4.38 3.20
CA PRO A 10 -2.95 3.01 2.70
C PRO A 10 -2.77 2.93 1.19
N ILE A 11 -1.72 2.23 0.76
CA ILE A 11 -1.43 2.08 -0.66
C ILE A 11 -1.61 0.62 -1.10
N CYS A 12 -2.32 0.43 -2.21
CA CYS A 12 -2.56 -0.91 -2.74
C CYS A 12 -1.62 -1.20 -3.91
N LEU A 13 -0.95 -2.34 -3.84
CA LEU A 13 -0.02 -2.75 -4.90
C LEU A 13 -0.52 -4.00 -5.62
N ARG A 14 -0.27 -4.08 -6.92
CA ARG A 14 -0.70 -5.22 -7.71
C ARG A 14 0.44 -6.23 -7.84
N ASP A 15 1.34 -6.25 -6.86
CA ASP A 15 2.47 -7.17 -6.88
C ASP A 15 2.79 -7.64 -5.47
N GLY A 1 2.95 -6.69 -4.50
CA GLY A 1 2.98 -6.95 -3.07
C GLY A 1 1.60 -7.10 -2.48
N HIS A 2 1.12 -6.03 -1.86
CA HIS A 2 -0.21 -6.03 -1.24
C HIS A 2 -0.61 -4.63 -0.81
N CYS A 3 -1.68 -4.54 -0.02
CA CYS A 3 -2.18 -3.26 0.46
C CYS A 3 -1.76 -3.02 1.90
N ILE A 4 -0.82 -2.10 2.10
CA ILE A 4 -0.33 -1.78 3.43
C ILE A 4 -0.26 -0.27 3.64
N PRO A 5 -0.23 0.16 4.92
CA PRO A 5 -0.16 1.57 5.28
C PRO A 5 1.20 2.19 4.94
N THR A 6 1.20 3.48 4.62
CA THR A 6 2.42 4.18 4.28
C THR A 6 2.40 5.62 4.79
N THR A 7 3.41 6.39 4.43
CA THR A 7 3.50 7.79 4.85
C THR A 7 2.33 8.60 4.30
N SER A 8 1.92 8.27 3.07
CA SER A 8 0.81 8.98 2.43
C SER A 8 -0.52 8.27 2.71
N GLY A 9 -0.45 7.17 3.45
CA GLY A 9 -1.66 6.44 3.78
C GLY A 9 -1.64 5.03 3.22
N PRO A 10 -2.81 4.38 3.20
CA PRO A 10 -2.95 3.01 2.70
C PRO A 10 -2.77 2.93 1.19
N ILE A 11 -1.72 2.23 0.76
CA ILE A 11 -1.43 2.08 -0.66
C ILE A 11 -1.61 0.62 -1.10
N CYS A 12 -2.33 0.43 -2.21
CA CYS A 12 -2.56 -0.90 -2.74
C CYS A 12 -1.64 -1.20 -3.92
N LEU A 13 -0.95 -2.34 -3.85
CA LEU A 13 -0.04 -2.74 -4.91
C LEU A 13 -0.53 -4.00 -5.61
N ARG A 14 -0.29 -4.09 -6.91
CA ARG A 14 -0.70 -5.25 -7.70
C ARG A 14 0.44 -6.24 -7.83
N ASP A 15 1.35 -6.24 -6.86
CA ASP A 15 2.48 -7.16 -6.88
C ASP A 15 2.81 -7.63 -5.47
N GLY A 1 2.25 -7.51 -4.54
CA GLY A 1 2.36 -7.60 -3.10
C GLY A 1 1.01 -7.59 -2.42
N HIS A 2 0.64 -6.46 -1.84
CA HIS A 2 -0.63 -6.32 -1.15
C HIS A 2 -0.89 -4.87 -0.78
N CYS A 3 -1.91 -4.64 0.06
CA CYS A 3 -2.27 -3.30 0.48
C CYS A 3 -1.75 -3.01 1.88
N ILE A 4 -0.74 -2.15 1.98
CA ILE A 4 -0.16 -1.79 3.26
C ILE A 4 -0.11 -0.28 3.44
N PRO A 5 0.01 0.17 4.70
CA PRO A 5 0.07 1.59 5.04
C PRO A 5 1.37 2.24 4.58
N THR A 6 1.32 3.54 4.31
CA THR A 6 2.49 4.28 3.87
C THR A 6 2.50 5.69 4.44
N THR A 7 3.55 6.44 4.13
CA THR A 7 3.69 7.81 4.61
C THR A 7 2.47 8.65 4.23
N SER A 8 1.89 8.34 3.07
CA SER A 8 0.73 9.07 2.58
C SER A 8 -0.57 8.39 3.02
N GLY A 9 -0.47 7.09 3.31
CA GLY A 9 -1.63 6.33 3.73
C GLY A 9 -1.64 4.92 3.18
N PRO A 10 -2.79 4.24 3.32
CA PRO A 10 -2.95 2.86 2.84
C PRO A 10 -2.98 2.78 1.31
N ILE A 11 -1.98 2.12 0.75
CA ILE A 11 -1.89 1.97 -0.70
C ILE A 11 -1.95 0.50 -1.11
N CYS A 12 -2.67 0.23 -2.18
CA CYS A 12 -2.81 -1.14 -2.68
C CYS A 12 -1.84 -1.41 -3.81
N LEU A 13 -0.76 -2.12 -3.50
CA LEU A 13 0.26 -2.45 -4.50
C LEU A 13 -0.17 -3.66 -5.33
N ARG A 14 0.14 -3.60 -6.62
CA ARG A 14 -0.22 -4.68 -7.54
C ARG A 14 0.95 -5.65 -7.70
N ASP A 15 1.83 -5.68 -6.71
CA ASP A 15 3.00 -6.57 -6.75
C ASP A 15 3.30 -7.13 -5.36
N GLY A 1 2.95 -6.69 -4.50
CA GLY A 1 2.98 -6.96 -3.08
C GLY A 1 1.60 -7.10 -2.48
N HIS A 2 1.12 -6.03 -1.86
CA HIS A 2 -0.20 -6.04 -1.24
C HIS A 2 -0.61 -4.63 -0.81
N CYS A 3 -1.68 -4.54 -0.02
CA CYS A 3 -2.18 -3.26 0.46
C CYS A 3 -1.76 -3.02 1.90
N ILE A 4 -0.82 -2.10 2.09
CA ILE A 4 -0.33 -1.78 3.43
C ILE A 4 -0.26 -0.27 3.64
N PRO A 5 -0.23 0.16 4.92
CA PRO A 5 -0.16 1.57 5.28
C PRO A 5 1.20 2.19 4.94
N THR A 6 1.20 3.48 4.62
CA THR A 6 2.42 4.18 4.28
C THR A 6 2.39 5.62 4.80
N THR A 7 3.41 6.39 4.43
CA THR A 7 3.50 7.79 4.85
C THR A 7 2.33 8.61 4.29
N SER A 8 1.92 8.28 3.08
CA SER A 8 0.81 8.98 2.43
C SER A 8 -0.52 8.27 2.71
N GLY A 9 -0.45 7.17 3.45
CA GLY A 9 -1.66 6.44 3.78
C GLY A 9 -1.64 5.03 3.22
N PRO A 10 -2.81 4.38 3.20
CA PRO A 10 -2.95 3.01 2.70
C PRO A 10 -2.77 2.93 1.19
N ILE A 11 -1.72 2.23 0.76
CA ILE A 11 -1.43 2.08 -0.66
C ILE A 11 -1.61 0.62 -1.10
N CYS A 12 -2.32 0.43 -2.21
CA CYS A 12 -2.56 -0.90 -2.74
C CYS A 12 -1.64 -1.20 -3.92
N LEU A 13 -0.95 -2.34 -3.85
CA LEU A 13 -0.04 -2.74 -4.91
C LEU A 13 -0.53 -4.00 -5.61
N ARG A 14 -0.29 -4.09 -6.91
CA ARG A 14 -0.70 -5.25 -7.70
C ARG A 14 0.44 -6.24 -7.83
N ASP A 15 1.34 -6.25 -6.86
CA ASP A 15 2.48 -7.16 -6.88
C ASP A 15 2.81 -7.63 -5.47
N GLY A 1 2.25 -7.53 -4.55
CA GLY A 1 2.36 -7.62 -3.11
C GLY A 1 1.00 -7.60 -2.42
N HIS A 2 0.64 -6.46 -1.84
CA HIS A 2 -0.64 -6.32 -1.15
C HIS A 2 -0.90 -4.86 -0.79
N CYS A 3 -1.91 -4.63 0.05
CA CYS A 3 -2.26 -3.29 0.46
C CYS A 3 -1.74 -3.00 1.87
N ILE A 4 -0.73 -2.14 1.97
CA ILE A 4 -0.14 -1.78 3.26
C ILE A 4 -0.10 -0.27 3.44
N PRO A 5 0.02 0.17 4.70
CA PRO A 5 0.08 1.59 5.04
C PRO A 5 1.38 2.24 4.58
N THR A 6 1.32 3.55 4.31
CA THR A 6 2.49 4.29 3.88
C THR A 6 2.50 5.70 4.44
N THR A 7 3.55 6.45 4.14
CA THR A 7 3.68 7.82 4.62
C THR A 7 2.46 8.65 4.23
N SER A 8 1.88 8.35 3.07
CA SER A 8 0.72 9.08 2.58
C SER A 8 -0.58 8.38 3.03
N GLY A 9 -0.47 7.09 3.32
CA GLY A 9 -1.63 6.33 3.75
C GLY A 9 -1.64 4.92 3.19
N PRO A 10 -2.78 4.24 3.33
CA PRO A 10 -2.95 2.86 2.84
C PRO A 10 -2.98 2.78 1.32
N ILE A 11 -1.97 2.13 0.74
CA ILE A 11 -1.88 1.98 -0.70
C ILE A 11 -1.94 0.51 -1.11
N CYS A 12 -2.68 0.23 -2.19
CA CYS A 12 -2.82 -1.13 -2.69
C CYS A 12 -1.83 -1.40 -3.81
N LEU A 13 -0.76 -2.13 -3.50
CA LEU A 13 0.25 -2.46 -4.49
C LEU A 13 -0.17 -3.67 -5.32
N ARG A 14 0.13 -3.62 -6.62
CA ARG A 14 -0.22 -4.70 -7.52
C ARG A 14 0.95 -5.66 -7.69
N ASP A 15 1.84 -5.70 -6.71
CA ASP A 15 2.99 -6.57 -6.76
C ASP A 15 3.29 -7.16 -5.37
N GLY A 1 2.24 -7.57 -4.60
CA GLY A 1 2.40 -7.61 -3.16
C GLY A 1 1.08 -7.60 -2.43
N HIS A 2 0.72 -6.46 -1.85
CA HIS A 2 -0.53 -6.33 -1.11
C HIS A 2 -0.80 -4.87 -0.76
N CYS A 3 -1.83 -4.64 0.06
CA CYS A 3 -2.19 -3.29 0.48
C CYS A 3 -1.69 -3.01 1.90
N ILE A 4 -0.71 -2.12 2.00
CA ILE A 4 -0.16 -1.75 3.30
C ILE A 4 -0.11 -0.24 3.48
N PRO A 5 -0.03 0.20 4.74
CA PRO A 5 0.03 1.63 5.08
C PRO A 5 1.33 2.28 4.65
N THR A 6 1.28 3.58 4.39
CA THR A 6 2.47 4.32 3.96
C THR A 6 2.46 5.74 4.54
N THR A 7 3.52 6.49 4.25
CA THR A 7 3.63 7.85 4.74
C THR A 7 2.43 8.69 4.32
N SER A 8 1.88 8.39 3.15
CA SER A 8 0.73 9.12 2.63
C SER A 8 -0.57 8.43 3.04
N GLY A 9 -0.48 7.13 3.33
CA GLY A 9 -1.66 6.38 3.74
C GLY A 9 -1.66 4.96 3.19
N PRO A 10 -2.80 4.29 3.29
CA PRO A 10 -2.96 2.91 2.81
C PRO A 10 -2.94 2.83 1.29
N ILE A 11 -1.92 2.16 0.75
CA ILE A 11 -1.78 2.01 -0.69
C ILE A 11 -1.89 0.55 -1.10
N CYS A 12 -2.57 0.29 -2.22
CA CYS A 12 -2.74 -1.07 -2.72
C CYS A 12 -1.77 -1.35 -3.87
N LEU A 13 -0.78 -2.19 -3.60
CA LEU A 13 0.22 -2.54 -4.61
C LEU A 13 -0.22 -3.77 -5.40
N ARG A 14 0.03 -3.74 -6.71
CA ARG A 14 -0.34 -4.85 -7.58
C ARG A 14 0.83 -5.82 -7.76
N ASP A 15 1.75 -5.81 -6.80
CA ASP A 15 2.92 -6.68 -6.85
C ASP A 15 3.24 -7.23 -5.47
N GLY A 1 2.94 -6.66 -4.55
CA GLY A 1 3.01 -6.91 -3.12
C GLY A 1 1.65 -7.07 -2.48
N HIS A 2 1.16 -6.00 -1.85
CA HIS A 2 -0.15 -6.04 -1.20
C HIS A 2 -0.58 -4.63 -0.78
N CYS A 3 -1.65 -4.56 0.01
CA CYS A 3 -2.16 -3.29 0.49
C CYS A 3 -1.75 -3.05 1.93
N ILE A 4 -0.83 -2.11 2.14
CA ILE A 4 -0.36 -1.78 3.47
C ILE A 4 -0.29 -0.27 3.68
N PRO A 5 -0.28 0.16 4.95
CA PRO A 5 -0.20 1.58 5.31
C PRO A 5 1.16 2.18 4.98
N THR A 6 1.17 3.47 4.65
CA THR A 6 2.40 4.17 4.33
C THR A 6 2.37 5.62 4.83
N THR A 7 3.39 6.39 4.47
CA THR A 7 3.48 7.78 4.88
C THR A 7 2.33 8.60 4.30
N SER A 8 1.93 8.26 3.07
CA SER A 8 0.84 8.97 2.41
C SER A 8 -0.49 8.28 2.67
N GLY A 9 -0.45 7.19 3.42
CA GLY A 9 -1.66 6.45 3.73
C GLY A 9 -1.64 5.04 3.18
N PRO A 10 -2.82 4.40 3.14
CA PRO A 10 -2.96 3.02 2.64
C PRO A 10 -2.72 2.92 1.15
N ILE A 11 -1.67 2.21 0.75
CA ILE A 11 -1.35 2.04 -0.66
C ILE A 11 -1.56 0.60 -1.10
N CYS A 12 -2.28 0.42 -2.21
CA CYS A 12 -2.55 -0.91 -2.74
C CYS A 12 -1.67 -1.21 -3.94
N LEU A 13 -0.92 -2.30 -3.86
CA LEU A 13 -0.03 -2.71 -4.94
C LEU A 13 -0.53 -3.99 -5.62
N ARG A 14 -0.33 -4.07 -6.93
CA ARG A 14 -0.76 -5.24 -7.68
C ARG A 14 0.39 -6.23 -7.85
N ASP A 15 1.27 -6.28 -6.86
CA ASP A 15 2.41 -7.19 -6.90
C ASP A 15 2.81 -7.62 -5.49
N GLY A 1 2.30 -7.02 -4.28
CA GLY A 1 2.16 -7.87 -3.10
C GLY A 1 0.79 -7.78 -2.46
N HIS A 2 0.50 -6.61 -1.89
CA HIS A 2 -0.79 -6.39 -1.24
C HIS A 2 -0.97 -4.91 -0.88
N CYS A 3 -1.96 -4.63 -0.04
CA CYS A 3 -2.24 -3.26 0.38
C CYS A 3 -1.67 -2.99 1.78
N ILE A 4 -0.66 -2.15 1.84
CA ILE A 4 -0.03 -1.80 3.12
C ILE A 4 -0.01 -0.29 3.33
N PRO A 5 0.14 0.12 4.59
CA PRO A 5 0.19 1.54 4.96
C PRO A 5 1.47 2.22 4.48
N THR A 6 1.38 3.53 4.23
CA THR A 6 2.52 4.30 3.77
C THR A 6 2.52 5.70 4.36
N THR A 7 3.56 6.47 4.04
CA THR A 7 3.68 7.83 4.55
C THR A 7 2.44 8.65 4.22
N SER A 8 1.83 8.36 3.07
CA SER A 8 0.63 9.08 2.64
C SER A 8 -0.62 8.36 3.10
N GLY A 9 -0.50 7.05 3.35
CA GLY A 9 -1.64 6.27 3.80
C GLY A 9 -1.64 4.87 3.22
N PRO A 10 -2.77 4.16 3.38
CA PRO A 10 -2.92 2.80 2.88
C PRO A 10 -2.99 2.74 1.36
N ILE A 11 -2.00 2.10 0.74
CA ILE A 11 -1.95 1.98 -0.71
C ILE A 11 -1.99 0.52 -1.14
N CYS A 12 -2.72 0.25 -2.22
CA CYS A 12 -2.84 -1.11 -2.73
C CYS A 12 -1.84 -1.35 -3.87
N LEU A 13 -0.73 -2.02 -3.54
CA LEU A 13 0.30 -2.31 -4.52
C LEU A 13 0.01 -3.63 -5.23
N ARG A 14 0.07 -3.62 -6.56
CA ARG A 14 -0.18 -4.82 -7.35
C ARG A 14 0.98 -5.80 -7.23
N ASP A 15 2.06 -5.36 -6.60
CA ASP A 15 3.24 -6.21 -6.41
C ASP A 15 2.94 -7.33 -5.42
N GLY A 1 2.87 -6.74 -4.49
CA GLY A 1 2.77 -7.17 -3.10
C GLY A 1 1.35 -7.20 -2.59
N HIS A 2 1.03 -6.29 -1.68
CA HIS A 2 -0.32 -6.21 -1.11
C HIS A 2 -0.66 -4.77 -0.73
N CYS A 3 -1.73 -4.62 0.04
CA CYS A 3 -2.17 -3.30 0.47
C CYS A 3 -1.75 -3.03 1.91
N ILE A 4 -0.78 -2.13 2.07
CA ILE A 4 -0.28 -1.78 3.40
C ILE A 4 -0.22 -0.27 3.58
N PRO A 5 -0.19 0.17 4.86
CA PRO A 5 -0.13 1.60 5.19
C PRO A 5 1.22 2.21 4.84
N THR A 6 1.21 3.52 4.56
CA THR A 6 2.43 4.23 4.21
C THR A 6 2.42 5.65 4.76
N THR A 7 3.43 6.44 4.39
CA THR A 7 3.52 7.82 4.84
C THR A 7 2.35 8.65 4.33
N SER A 8 1.90 8.34 3.13
CA SER A 8 0.78 9.06 2.52
C SER A 8 -0.55 8.38 2.82
N GLY A 9 -0.46 7.19 3.40
CA GLY A 9 -1.66 6.44 3.74
C GLY A 9 -1.65 5.03 3.21
N PRO A 10 -2.81 4.37 3.21
CA PRO A 10 -2.95 3.00 2.71
C PRO A 10 -2.79 2.91 1.20
N ILE A 11 -1.73 2.21 0.77
CA ILE A 11 -1.48 2.05 -0.65
C ILE A 11 -1.68 0.60 -1.09
N CYS A 12 -2.33 0.41 -2.23
CA CYS A 12 -2.57 -0.93 -2.76
C CYS A 12 -1.66 -1.23 -3.95
N LEU A 13 -0.87 -2.28 -3.81
CA LEU A 13 0.05 -2.68 -4.88
C LEU A 13 -0.43 -3.95 -5.56
N ARG A 14 -0.24 -4.02 -6.88
CA ARG A 14 -0.65 -5.18 -7.66
C ARG A 14 0.51 -6.16 -7.82
N ASP A 15 1.45 -6.11 -6.90
CA ASP A 15 2.61 -7.00 -6.94
C ASP A 15 2.91 -7.57 -5.56
N GLY A 1 2.93 -6.66 -4.45
CA GLY A 1 2.96 -6.93 -3.02
C GLY A 1 1.57 -7.10 -2.43
N HIS A 2 1.06 -6.04 -1.81
CA HIS A 2 -0.27 -6.08 -1.21
C HIS A 2 -0.70 -4.67 -0.78
N CYS A 3 -1.76 -4.61 0.03
CA CYS A 3 -2.28 -3.34 0.51
C CYS A 3 -1.83 -3.06 1.94
N ILE A 4 -0.90 -2.11 2.10
CA ILE A 4 -0.39 -1.76 3.40
C ILE A 4 -0.30 -0.25 3.57
N PRO A 5 -0.25 0.22 4.83
CA PRO A 5 -0.15 1.65 5.15
C PRO A 5 1.20 2.23 4.77
N THR A 6 1.20 3.52 4.44
CA THR A 6 2.43 4.22 4.07
C THR A 6 2.45 5.65 4.58
N THR A 7 3.54 6.35 4.34
CA THR A 7 3.68 7.73 4.79
C THR A 7 2.51 8.58 4.32
N SER A 8 2.00 8.28 3.13
CA SER A 8 0.87 9.01 2.57
C SER A 8 -0.45 8.35 2.93
N GLY A 9 -0.40 7.06 3.23
CA GLY A 9 -1.59 6.33 3.59
C GLY A 9 -1.61 4.90 3.06
N PRO A 10 -2.76 4.24 3.15
CA PRO A 10 -2.92 2.87 2.67
C PRO A 10 -2.87 2.76 1.15
N ILE A 11 -1.84 2.08 0.64
CA ILE A 11 -1.68 1.91 -0.79
C ILE A 11 -1.80 0.44 -1.19
N CYS A 12 -2.60 0.18 -2.21
CA CYS A 12 -2.80 -1.19 -2.69
C CYS A 12 -1.85 -1.50 -3.85
N LEU A 13 -0.79 -2.23 -3.55
CA LEU A 13 0.19 -2.60 -4.57
C LEU A 13 -0.31 -3.76 -5.41
N ARG A 14 -0.06 -3.69 -6.72
CA ARG A 14 -0.49 -4.75 -7.63
C ARG A 14 0.62 -5.78 -7.84
N ASP A 15 1.31 -6.12 -6.76
CA ASP A 15 2.40 -7.09 -6.82
C ASP A 15 2.77 -7.58 -5.42
N GLY A 1 2.50 -6.78 -4.31
CA GLY A 1 2.50 -7.50 -3.06
C GLY A 1 1.13 -7.53 -2.41
N HIS A 2 0.73 -6.42 -1.82
CA HIS A 2 -0.56 -6.30 -1.16
C HIS A 2 -0.87 -4.87 -0.78
N CYS A 3 -1.89 -4.68 0.04
CA CYS A 3 -2.29 -3.34 0.48
C CYS A 3 -1.78 -3.05 1.88
N ILE A 4 -0.78 -2.18 1.99
CA ILE A 4 -0.21 -1.81 3.28
C ILE A 4 -0.16 -0.30 3.45
N PRO A 5 -0.05 0.15 4.71
CA PRO A 5 0.02 1.57 5.03
C PRO A 5 1.34 2.21 4.59
N THR A 6 1.29 3.51 4.31
CA THR A 6 2.48 4.23 3.88
C THR A 6 2.50 5.65 4.45
N THR A 7 3.58 6.38 4.17
CA THR A 7 3.71 7.75 4.65
C THR A 7 2.52 8.60 4.25
N SER A 8 1.95 8.30 3.08
CA SER A 8 0.80 9.04 2.58
C SER A 8 -0.50 8.37 3.00
N GLY A 9 -0.43 7.07 3.28
CA GLY A 9 -1.62 6.34 3.69
C GLY A 9 -1.64 4.92 3.15
N PRO A 10 -2.79 4.25 3.27
CA PRO A 10 -2.97 2.88 2.79
C PRO A 10 -2.97 2.79 1.28
N ILE A 11 -1.98 2.11 0.72
CA ILE A 11 -1.86 1.95 -0.73
C ILE A 11 -1.96 0.48 -1.13
N CYS A 12 -2.64 0.22 -2.24
CA CYS A 12 -2.80 -1.15 -2.73
C CYS A 12 -1.86 -1.41 -3.90
N LEU A 13 -0.75 -2.07 -3.62
CA LEU A 13 0.24 -2.39 -4.66
C LEU A 13 -0.08 -3.73 -5.31
N ARG A 14 -0.11 -3.74 -6.64
CA ARG A 14 -0.40 -4.96 -7.39
C ARG A 14 0.77 -5.93 -7.32
N ASP A 15 1.89 -5.45 -6.79
CA ASP A 15 3.09 -6.29 -6.67
C ASP A 15 2.95 -7.27 -5.50
N GLY A 1 2.82 -6.84 -4.46
CA GLY A 1 2.87 -7.25 -3.05
C GLY A 1 1.50 -7.33 -2.42
N HIS A 2 1.06 -6.23 -1.82
CA HIS A 2 -0.25 -6.19 -1.17
C HIS A 2 -0.60 -4.75 -0.77
N CYS A 3 -1.66 -4.62 0.01
CA CYS A 3 -2.11 -3.31 0.47
C CYS A 3 -1.67 -3.05 1.91
N ILE A 4 -0.81 -2.06 2.09
CA ILE A 4 -0.31 -1.71 3.42
C ILE A 4 -0.24 -0.19 3.61
N PRO A 5 -0.21 0.24 4.87
CA PRO A 5 -0.14 1.67 5.21
C PRO A 5 1.21 2.29 4.85
N THR A 6 1.20 3.58 4.54
CA THR A 6 2.42 4.29 4.18
C THR A 6 2.40 5.72 4.71
N THR A 7 3.49 6.45 4.46
CA THR A 7 3.59 7.83 4.91
C THR A 7 2.41 8.66 4.45
N SER A 8 1.94 8.39 3.23
CA SER A 8 0.81 9.11 2.67
C SER A 8 -0.51 8.43 3.04
N GLY A 9 -0.44 7.14 3.33
CA GLY A 9 -1.62 6.39 3.70
C GLY A 9 -1.61 4.99 3.15
N PRO A 10 -2.78 4.32 3.21
CA PRO A 10 -2.93 2.94 2.71
C PRO A 10 -2.85 2.87 1.19
N ILE A 11 -1.82 2.19 0.70
CA ILE A 11 -1.62 2.04 -0.75
C ILE A 11 -1.76 0.58 -1.17
N CYS A 12 -2.45 0.36 -2.28
CA CYS A 12 -2.66 -0.99 -2.79
C CYS A 12 -1.75 -1.27 -3.98
N LEU A 13 -0.90 -2.28 -3.85
CA LEU A 13 0.03 -2.65 -4.91
C LEU A 13 -0.43 -3.93 -5.61
N ARG A 14 -0.24 -3.98 -6.92
CA ARG A 14 -0.62 -5.15 -7.71
C ARG A 14 0.56 -6.09 -7.89
N ASP A 15 1.38 -6.21 -6.85
CA ASP A 15 2.54 -7.10 -6.89
C ASP A 15 2.83 -7.68 -5.52
N GLY A 1 2.21 -7.57 -4.60
CA GLY A 1 2.37 -7.58 -3.16
C GLY A 1 1.05 -7.59 -2.43
N HIS A 2 0.69 -6.45 -1.84
CA HIS A 2 -0.56 -6.33 -1.10
C HIS A 2 -0.85 -4.88 -0.74
N CYS A 3 -1.86 -4.67 0.10
CA CYS A 3 -2.24 -3.33 0.52
C CYS A 3 -1.73 -3.05 1.93
N ILE A 4 -0.80 -2.11 2.05
CA ILE A 4 -0.23 -1.75 3.35
C ILE A 4 -0.17 -0.24 3.51
N PRO A 5 -0.06 0.22 4.77
CA PRO A 5 0.02 1.64 5.09
C PRO A 5 1.33 2.27 4.66
N THR A 6 1.30 3.56 4.33
CA THR A 6 2.48 4.28 3.89
C THR A 6 2.50 5.70 4.43
N THR A 7 3.57 6.43 4.13
CA THR A 7 3.71 7.81 4.60
C THR A 7 2.49 8.64 4.19
N SER A 8 1.92 8.33 3.03
CA SER A 8 0.75 9.05 2.55
C SER A 8 -0.54 8.37 2.99
N GLY A 9 -0.45 7.07 3.26
CA GLY A 9 -1.63 6.33 3.69
C GLY A 9 -1.64 4.91 3.14
N PRO A 10 -2.79 4.23 3.29
CA PRO A 10 -2.96 2.86 2.82
C PRO A 10 -2.98 2.77 1.30
N ILE A 11 -2.00 2.11 0.73
CA ILE A 11 -1.91 1.95 -0.72
C ILE A 11 -1.95 0.47 -1.12
N CYS A 12 -2.69 0.17 -2.18
CA CYS A 12 -2.81 -1.19 -2.67
C CYS A 12 -1.83 -1.47 -3.80
N LEU A 13 -0.72 -2.11 -3.46
CA LEU A 13 0.31 -2.43 -4.44
C LEU A 13 -0.12 -3.61 -5.31
N ARG A 14 0.16 -3.50 -6.61
CA ARG A 14 -0.20 -4.56 -7.55
C ARG A 14 0.98 -5.50 -7.79
N ASP A 15 1.77 -5.73 -6.73
CA ASP A 15 2.92 -6.61 -6.83
C ASP A 15 3.22 -7.26 -5.48
N GLY A 1 2.55 -6.84 -4.30
CA GLY A 1 2.29 -7.65 -3.13
C GLY A 1 0.86 -7.53 -2.64
N HIS A 2 0.62 -6.59 -1.72
CA HIS A 2 -0.71 -6.39 -1.17
C HIS A 2 -0.92 -4.91 -0.82
N CYS A 3 -1.94 -4.64 -0.02
CA CYS A 3 -2.25 -3.28 0.40
C CYS A 3 -1.72 -3.00 1.81
N ILE A 4 -0.70 -2.16 1.90
CA ILE A 4 -0.12 -1.80 3.19
C ILE A 4 -0.08 -0.29 3.38
N PRO A 5 0.05 0.14 4.64
CA PRO A 5 0.10 1.56 5.00
C PRO A 5 1.39 2.22 4.54
N THR A 6 1.33 3.52 4.28
CA THR A 6 2.49 4.28 3.84
C THR A 6 2.50 5.69 4.42
N THR A 7 3.55 6.44 4.13
CA THR A 7 3.68 7.80 4.63
C THR A 7 2.46 8.64 4.25
N SER A 8 1.89 8.35 3.09
CA SER A 8 0.72 9.08 2.61
C SER A 8 -0.57 8.38 3.05
N GLY A 9 -0.48 7.08 3.30
CA GLY A 9 -1.64 6.32 3.73
C GLY A 9 -1.64 4.91 3.16
N PRO A 10 -2.78 4.22 3.30
CA PRO A 10 -2.94 2.85 2.81
C PRO A 10 -2.96 2.77 1.30
N ILE A 11 -1.96 2.12 0.72
CA ILE A 11 -1.86 1.98 -0.73
C ILE A 11 -1.93 0.51 -1.13
N CYS A 12 -2.67 0.24 -2.21
CA CYS A 12 -2.81 -1.12 -2.71
C CYS A 12 -1.81 -1.41 -3.82
N LEU A 13 -0.74 -2.12 -3.48
CA LEU A 13 0.29 -2.47 -4.46
C LEU A 13 -0.06 -3.75 -5.20
N ARG A 14 0.00 -3.68 -6.53
CA ARG A 14 -0.31 -4.84 -7.36
C ARG A 14 0.84 -5.83 -7.38
N ASP A 15 1.93 -5.47 -6.72
CA ASP A 15 3.11 -6.33 -6.65
C ASP A 15 3.01 -7.30 -5.50
N GLY A 1 2.96 -6.71 -4.50
CA GLY A 1 3.00 -6.95 -3.07
C GLY A 1 1.62 -7.08 -2.47
N HIS A 2 1.13 -6.02 -1.85
CA HIS A 2 -0.19 -6.04 -1.23
C HIS A 2 -0.61 -4.62 -0.82
N CYS A 3 -1.67 -4.54 -0.02
CA CYS A 3 -2.17 -3.25 0.45
C CYS A 3 -1.75 -2.99 1.89
N ILE A 4 -0.82 -2.06 2.06
CA ILE A 4 -0.32 -1.70 3.38
C ILE A 4 -0.26 -0.20 3.57
N PRO A 5 -0.22 0.25 4.83
CA PRO A 5 -0.16 1.67 5.17
C PRO A 5 1.19 2.29 4.82
N THR A 6 1.19 3.58 4.53
CA THR A 6 2.41 4.29 4.18
C THR A 6 2.41 5.71 4.74
N THR A 7 3.50 6.43 4.52
CA THR A 7 3.62 7.81 5.00
C THR A 7 2.44 8.65 4.52
N SER A 8 1.96 8.36 3.32
CA SER A 8 0.84 9.10 2.75
C SER A 8 -0.48 8.43 3.08
N GLY A 9 -0.43 7.14 3.36
CA GLY A 9 -1.64 6.40 3.69
C GLY A 9 -1.62 4.99 3.14
N PRO A 10 -2.78 4.31 3.19
CA PRO A 10 -2.92 2.95 2.69
C PRO A 10 -2.83 2.87 1.18
N ILE A 11 -1.79 2.19 0.68
CA ILE A 11 -1.59 2.05 -0.76
C ILE A 11 -1.72 0.59 -1.18
N CYS A 12 -2.45 0.34 -2.26
CA CYS A 12 -2.65 -1.00 -2.77
C CYS A 12 -1.70 -1.29 -3.93
N LEU A 13 -1.02 -2.43 -3.86
CA LEU A 13 -0.08 -2.82 -4.90
C LEU A 13 -0.55 -4.09 -5.62
N ARG A 14 -0.29 -4.16 -6.92
CA ARG A 14 -0.69 -5.31 -7.72
C ARG A 14 0.46 -6.31 -7.85
N ASP A 15 1.35 -6.31 -6.87
CA ASP A 15 2.50 -7.21 -6.86
C ASP A 15 2.84 -7.66 -5.44
N GLY A 1 2.92 -6.75 -4.50
CA GLY A 1 2.95 -7.02 -3.07
C GLY A 1 1.56 -7.15 -2.48
N HIS A 2 1.10 -6.07 -1.85
CA HIS A 2 -0.23 -6.06 -1.23
C HIS A 2 -0.62 -4.64 -0.82
N CYS A 3 -1.68 -4.54 -0.02
CA CYS A 3 -2.16 -3.25 0.44
C CYS A 3 -1.74 -3.01 1.89
N ILE A 4 -0.79 -2.10 2.09
CA ILE A 4 -0.30 -1.78 3.42
C ILE A 4 -0.23 -0.27 3.63
N PRO A 5 -0.20 0.15 4.90
CA PRO A 5 -0.14 1.57 5.27
C PRO A 5 1.21 2.19 4.93
N THR A 6 1.20 3.48 4.62
CA THR A 6 2.43 4.19 4.27
C THR A 6 2.39 5.63 4.79
N THR A 7 3.41 6.41 4.43
CA THR A 7 3.48 7.80 4.85
C THR A 7 2.32 8.62 4.30
N SER A 8 1.89 8.29 3.08
CA SER A 8 0.79 9.00 2.44
C SER A 8 -0.53 8.29 2.72
N GLY A 9 -0.47 7.18 3.46
CA GLY A 9 -1.67 6.44 3.79
C GLY A 9 -1.65 5.03 3.24
N PRO A 10 -2.83 4.38 3.21
CA PRO A 10 -2.96 3.01 2.71
C PRO A 10 -2.77 2.93 1.20
N ILE A 11 -1.72 2.24 0.77
CA ILE A 11 -1.44 2.08 -0.65
C ILE A 11 -1.61 0.63 -1.09
N CYS A 12 -2.31 0.44 -2.21
CA CYS A 12 -2.54 -0.90 -2.74
C CYS A 12 -1.61 -1.19 -3.90
N LEU A 13 -0.94 -2.33 -3.84
CA LEU A 13 -0.01 -2.74 -4.90
C LEU A 13 -0.51 -3.99 -5.61
N ARG A 14 -0.25 -4.06 -6.92
CA ARG A 14 -0.68 -5.20 -7.72
C ARG A 14 0.45 -6.22 -7.86
N ASP A 15 1.34 -6.25 -6.86
CA ASP A 15 2.47 -7.17 -6.88
C ASP A 15 2.78 -7.67 -5.47
#